data_4B7I
#
_entry.id   4B7I
#
_cell.length_a   49.041
_cell.length_b   72.991
_cell.length_c   140.833
_cell.angle_alpha   90.00
_cell.angle_beta   90.00
_cell.angle_gamma   90.00
#
_symmetry.space_group_name_H-M   'P 21 21 21'
#
loop_
_entity.id
_entity.type
_entity.pdbx_description
1 polymer 'IG GAMMA-1 CHAIN C REGION'
2 branched alpha-D-mannopyranose-(1-3)-[alpha-D-mannopyranose-(1-6)]alpha-D-mannopyranose-(1-6)-[alpha-D-mannopyranose-(1-3)]beta-D-mannopyranose-(1-4)-2-acetamido-2-deoxy-beta-D-glucopyranose-(1-4)-[alpha-L-fucopyranose-(1-6)]2-acetamido-2-deoxy-beta-D-glucopyranose
3 non-polymer 'CHLORIDE ION'
4 water water
#
_entity_poly.entity_id   1
_entity_poly.type   'polypeptide(L)'
_entity_poly.pdbx_seq_one_letter_code
;GPSVFLFPPKPKDTLMISRTPEVTCVVVDVSHEDPEVKFNWYVDGVEVHNAKTKPREEQYNSTYRVVSVLTVLHQDWLNG
KEYKCKVSNKALPAPIEKTISKAKGQPREPQVYTLPPSRDELTKNQVSLTCLVKGFYPSDIAVEWESNGQPENNYKATPP
VLDSDGSFFLYSKLTVDKSRWQQGNVFSCSVMHEALHNHYTQKSLSLSPGTKHHHHHH
;
_entity_poly.pdbx_strand_id   A,B
#
loop_
_chem_comp.id
_chem_comp.type
_chem_comp.name
_chem_comp.formula
BMA D-saccharide, beta linking beta-D-mannopyranose 'C6 H12 O6'
CL non-polymer 'CHLORIDE ION' 'Cl -1'
FUC L-saccharide, alpha linking alpha-L-fucopyranose 'C6 H12 O5'
MAN D-saccharide, alpha linking alpha-D-mannopyranose 'C6 H12 O6'
NAG D-saccharide, beta linking 2-acetamido-2-deoxy-beta-D-glucopyranose 'C8 H15 N O6'
#
# COMPACT_ATOMS: atom_id res chain seq x y z
N GLY A 1 -10.73 -31.83 -12.86
CA GLY A 1 -9.27 -32.13 -12.78
C GLY A 1 -8.56 -31.29 -11.73
N PRO A 2 -7.34 -31.73 -11.34
CA PRO A 2 -6.57 -31.01 -10.32
C PRO A 2 -6.07 -29.66 -10.77
N SER A 3 -5.83 -28.77 -9.82
CA SER A 3 -5.31 -27.43 -10.09
C SER A 3 -3.97 -27.22 -9.37
N VAL A 4 -3.07 -26.45 -9.97
CA VAL A 4 -1.73 -26.21 -9.39
C VAL A 4 -1.45 -24.73 -9.07
N PHE A 5 -0.84 -24.49 -7.90
CA PHE A 5 -0.42 -23.16 -7.47
C PHE A 5 1.02 -23.19 -7.02
N LEU A 6 1.81 -22.24 -7.50
CA LEU A 6 3.25 -22.22 -7.23
C LEU A 6 3.60 -20.93 -6.51
N PHE A 7 4.14 -21.06 -5.30
CA PHE A 7 4.42 -19.92 -4.44
C PHE A 7 5.92 -19.62 -4.33
N PRO A 8 6.29 -18.33 -4.42
CA PRO A 8 7.69 -17.94 -4.31
C PRO A 8 8.18 -17.95 -2.86
N PRO A 9 9.49 -17.89 -2.66
CA PRO A 9 10.01 -17.77 -1.29
C PRO A 9 9.69 -16.42 -0.66
N LYS A 10 9.73 -16.34 0.67
CA LYS A 10 9.60 -15.05 1.34
C LYS A 10 10.82 -14.22 0.99
N PRO A 11 10.64 -12.93 0.63
CA PRO A 11 11.79 -12.08 0.27
C PRO A 11 12.93 -12.12 1.26
N LYS A 12 12.60 -12.09 2.55
CA LYS A 12 13.63 -12.05 3.61
C LYS A 12 14.45 -13.33 3.62
N ASP A 13 13.82 -14.46 3.29
CA ASP A 13 14.51 -15.74 3.22
C ASP A 13 15.52 -15.75 2.08
N THR A 14 15.24 -15.01 1.01
CA THR A 14 16.16 -14.95 -0.14
C THR A 14 17.34 -14.02 0.14
N LEU A 15 17.13 -13.06 1.02
CA LEU A 15 18.08 -11.97 1.24
C LEU A 15 19.07 -12.28 2.35
N MET A 16 18.64 -13.03 3.36
CA MET A 16 19.51 -13.43 4.44
C MET A 16 20.04 -14.86 4.20
N ILE A 17 21.35 -14.98 3.99
CA ILE A 17 22.00 -16.26 3.63
C ILE A 17 21.80 -17.36 4.68
N SER A 18 21.69 -16.98 5.96
CA SER A 18 21.40 -17.93 7.04
C SER A 18 19.98 -18.53 6.98
N ARG A 19 19.04 -17.86 6.31
CA ARG A 19 17.66 -18.32 6.29
C ARG A 19 17.41 -19.29 5.13
N THR A 20 16.21 -19.86 5.10
CA THR A 20 15.90 -20.99 4.23
C THR A 20 14.80 -20.65 3.23
N PRO A 21 15.17 -20.11 2.05
CA PRO A 21 14.16 -19.77 1.04
C PRO A 21 13.64 -21.02 0.33
N GLU A 22 12.33 -21.09 0.10
CA GLU A 22 11.72 -22.26 -0.54
C GLU A 22 10.69 -21.87 -1.59
N VAL A 23 10.63 -22.64 -2.68
CA VAL A 23 9.51 -22.55 -3.64
C VAL A 23 8.56 -23.71 -3.30
N THR A 24 7.26 -23.41 -3.27
CA THR A 24 6.23 -24.35 -2.85
C THR A 24 5.19 -24.56 -3.94
N CYS A 25 5.05 -25.82 -4.36
CA CYS A 25 4.11 -26.19 -5.40
C CYS A 25 2.95 -26.97 -4.78
N VAL A 26 1.74 -26.44 -4.90
CA VAL A 26 0.58 -27.05 -4.28
C VAL A 26 -0.39 -27.55 -5.36
N VAL A 27 -0.93 -28.73 -5.13
CA VAL A 27 -1.90 -29.32 -6.04
C VAL A 27 -3.19 -29.65 -5.29
N VAL A 28 -4.31 -29.16 -5.84
CA VAL A 28 -5.63 -29.33 -5.22
C VAL A 28 -6.59 -30.02 -6.20
N ASP A 29 -7.70 -30.53 -5.66
CA ASP A 29 -8.70 -31.24 -6.45
C ASP A 29 -8.12 -32.51 -7.08
N VAL A 30 -7.35 -33.24 -6.27
CA VAL A 30 -6.84 -34.54 -6.65
C VAL A 30 -7.95 -35.49 -6.22
N SER A 31 -8.44 -36.30 -7.15
CA SER A 31 -9.60 -37.17 -6.92
C SER A 31 -9.25 -38.49 -6.21
N HIS A 32 -10.24 -39.08 -5.55
CA HIS A 32 -10.07 -40.41 -4.96
C HIS A 32 -9.76 -41.50 -5.98
N GLU A 33 -10.27 -41.35 -7.19
CA GLU A 33 -10.15 -42.40 -8.23
C GLU A 33 -8.83 -42.30 -9.02
N ASP A 34 -8.20 -41.12 -8.98
CA ASP A 34 -6.84 -40.90 -9.53
C ASP A 34 -5.97 -40.09 -8.54
N PRO A 35 -5.59 -40.72 -7.41
CA PRO A 35 -4.95 -40.03 -6.28
C PRO A 35 -3.42 -39.78 -6.39
N GLU A 36 -2.73 -40.51 -7.24
CA GLU A 36 -1.26 -40.38 -7.33
C GLU A 36 -0.86 -39.10 -8.03
N VAL A 37 0.15 -38.41 -7.48
CA VAL A 37 0.66 -37.20 -8.11
C VAL A 37 2.18 -37.26 -8.20
N LYS A 38 2.70 -37.01 -9.39
CA LYS A 38 4.15 -36.91 -9.60
C LYS A 38 4.59 -35.46 -9.85
N PHE A 39 5.62 -35.04 -9.12
CA PHE A 39 6.19 -33.71 -9.24
C PHE A 39 7.48 -33.83 -10.01
N ASN A 40 7.68 -32.97 -11.00
CA ASN A 40 9.02 -32.73 -11.55
C ASN A 40 9.38 -31.26 -11.37
N TRP A 41 10.63 -31.01 -10.96
CA TRP A 41 11.10 -29.67 -10.64
C TRP A 41 12.28 -29.31 -11.53
N TYR A 42 12.28 -28.09 -12.06
CA TYR A 42 13.32 -27.65 -12.98
C TYR A 42 13.79 -26.23 -12.61
N VAL A 43 15.10 -26.04 -12.61
CA VAL A 43 15.70 -24.72 -12.42
C VAL A 43 16.37 -24.33 -13.75
N ASP A 44 15.78 -23.35 -14.43
CA ASP A 44 16.22 -22.92 -15.77
C ASP A 44 16.26 -24.06 -16.77
N GLY A 45 15.20 -24.87 -16.76
CA GLY A 45 15.09 -25.99 -17.69
C GLY A 45 15.72 -27.29 -17.22
N VAL A 46 16.77 -27.20 -16.41
CA VAL A 46 17.46 -28.38 -15.88
C VAL A 46 16.72 -28.96 -14.68
N GLU A 47 16.37 -30.25 -14.75
CA GLU A 47 15.67 -30.92 -13.67
C GLU A 47 16.53 -31.04 -12.42
N VAL A 48 15.93 -30.78 -11.26
CA VAL A 48 16.57 -31.01 -9.98
C VAL A 48 15.78 -32.03 -9.18
N HIS A 49 16.46 -32.68 -8.24
CA HIS A 49 15.91 -33.85 -7.55
C HIS A 49 15.75 -33.69 -6.06
N ASN A 50 16.23 -32.58 -5.48
CA ASN A 50 16.30 -32.43 -4.02
C ASN A 50 14.98 -32.05 -3.32
N ALA A 51 13.92 -31.84 -4.08
CA ALA A 51 12.63 -31.43 -3.50
C ALA A 51 12.12 -32.38 -2.41
N LYS A 52 11.30 -31.86 -1.52
CA LYS A 52 10.67 -32.67 -0.46
C LYS A 52 9.15 -32.64 -0.59
N THR A 53 8.61 -33.73 -1.10
CA THR A 53 7.18 -33.87 -1.35
C THR A 53 6.50 -34.48 -0.13
N LYS A 54 5.43 -33.84 0.32
CA LYS A 54 4.67 -34.32 1.46
C LYS A 54 3.61 -35.33 1.00
N PRO A 55 3.26 -36.29 1.87
CA PRO A 55 2.17 -37.19 1.53
C PRO A 55 0.83 -36.47 1.41
N ARG A 56 -0.04 -36.98 0.56
CA ARG A 56 -1.33 -36.36 0.29
C ARG A 56 -2.15 -36.22 1.57
N GLU A 57 -2.94 -35.17 1.63
CA GLU A 57 -3.80 -34.89 2.78
C GLU A 57 -5.19 -34.65 2.25
N GLU A 58 -6.15 -35.45 2.75
CA GLU A 58 -7.55 -35.35 2.30
C GLU A 58 -8.19 -34.12 2.90
N GLN A 59 -8.95 -33.41 2.07
CA GLN A 59 -9.65 -32.20 2.48
C GLN A 59 -11.12 -32.51 2.80
N TYR A 60 -11.81 -31.57 3.43
CA TYR A 60 -13.21 -31.79 3.82
C TYR A 60 -14.19 -31.88 2.66
N ASN A 61 -13.75 -31.53 1.44
CA ASN A 61 -14.57 -31.76 0.25
C ASN A 61 -14.20 -33.03 -0.51
N SER A 62 -13.74 -34.04 0.22
CA SER A 62 -13.32 -35.34 -0.33
C SER A 62 -12.44 -35.26 -1.59
N THR A 63 -11.51 -34.30 -1.60
CA THR A 63 -10.43 -34.21 -2.58
C THR A 63 -9.12 -34.17 -1.85
N TYR A 64 -8.03 -34.55 -2.51
CA TYR A 64 -6.71 -34.49 -1.88
C TYR A 64 -5.93 -33.22 -2.22
N ARG A 65 -5.07 -32.82 -1.28
CA ARG A 65 -4.11 -31.73 -1.45
C ARG A 65 -2.71 -32.33 -1.31
N VAL A 66 -1.83 -32.01 -2.26
CA VAL A 66 -0.44 -32.50 -2.23
C VAL A 66 0.52 -31.34 -2.44
N VAL A 67 1.56 -31.28 -1.60
CA VAL A 67 2.49 -30.16 -1.59
C VAL A 67 3.92 -30.65 -1.74
N SER A 68 4.67 -29.99 -2.62
CA SER A 68 6.09 -30.26 -2.81
C SER A 68 6.88 -28.99 -2.52
N VAL A 69 7.97 -29.12 -1.76
CA VAL A 69 8.76 -27.96 -1.32
C VAL A 69 10.21 -28.07 -1.82
N LEU A 70 10.59 -27.17 -2.72
CA LEU A 70 11.96 -27.08 -3.21
C LEU A 70 12.76 -26.01 -2.44
N THR A 71 13.87 -26.45 -1.85
CA THR A 71 14.87 -25.56 -1.26
C THR A 71 15.66 -24.90 -2.38
N VAL A 72 15.77 -23.57 -2.34
CA VAL A 72 16.48 -22.86 -3.40
C VAL A 72 17.76 -22.27 -2.88
N LEU A 73 18.68 -22.01 -3.80
CA LEU A 73 19.91 -21.32 -3.48
C LEU A 73 19.64 -19.85 -3.61
N HIS A 74 20.01 -19.12 -2.57
CA HIS A 74 19.78 -17.70 -2.49
C HIS A 74 20.21 -17.03 -3.78
N GLN A 75 21.43 -17.32 -4.22
CA GLN A 75 22.00 -16.65 -5.38
C GLN A 75 21.26 -16.99 -6.66
N ASP A 76 20.80 -18.23 -6.76
CA ASP A 76 20.04 -18.64 -7.95
C ASP A 76 18.78 -17.77 -8.09
N TRP A 77 18.07 -17.58 -7.00
CA TRP A 77 16.85 -16.79 -7.03
C TRP A 77 17.13 -15.34 -7.39
N LEU A 78 18.16 -14.77 -6.77
CA LEU A 78 18.51 -13.38 -6.99
C LEU A 78 19.10 -13.15 -8.37
N ASN A 79 19.66 -14.20 -8.98
CA ASN A 79 20.17 -14.10 -10.35
C ASN A 79 19.10 -14.28 -11.42
N GLY A 80 17.86 -14.50 -11.01
CA GLY A 80 16.71 -14.46 -11.92
C GLY A 80 16.37 -15.80 -12.54
N LYS A 81 16.86 -16.89 -11.95
CA LYS A 81 16.58 -18.21 -12.46
C LYS A 81 15.10 -18.56 -12.31
N GLU A 82 14.58 -19.31 -13.28
CA GLU A 82 13.19 -19.69 -13.31
C GLU A 82 13.01 -21.04 -12.66
N TYR A 83 11.97 -21.15 -11.84
CA TYR A 83 11.65 -22.40 -11.17
C TYR A 83 10.34 -22.93 -11.74
N LYS A 84 10.39 -24.15 -12.28
CA LYS A 84 9.23 -24.80 -12.88
C LYS A 84 8.83 -26.02 -12.09
N CYS A 85 7.55 -26.08 -11.75
CA CYS A 85 6.96 -27.27 -11.14
C CYS A 85 6.03 -27.91 -12.16
N LYS A 86 6.31 -29.14 -12.57
CA LYS A 86 5.41 -29.87 -13.46
C LYS A 86 4.68 -30.93 -12.67
N VAL A 87 3.36 -30.91 -12.74
CA VAL A 87 2.53 -31.81 -11.97
C VAL A 87 1.85 -32.83 -12.90
N SER A 88 1.96 -34.10 -12.54
CA SER A 88 1.39 -35.18 -13.32
C SER A 88 0.35 -35.92 -12.50
N ASN A 89 -0.73 -36.31 -13.17
CA ASN A 89 -1.86 -36.98 -12.56
C ASN A 89 -2.67 -37.69 -13.63
N LYS A 90 -3.18 -38.87 -13.33
CA LYS A 90 -3.87 -39.67 -14.36
C LYS A 90 -5.21 -39.09 -14.82
N ALA A 91 -5.84 -38.23 -14.03
CA ALA A 91 -7.03 -37.52 -14.47
C ALA A 91 -6.74 -36.34 -15.42
N LEU A 92 -5.47 -36.01 -15.65
CA LEU A 92 -5.09 -34.91 -16.53
C LEU A 92 -4.74 -35.39 -17.93
N PRO A 93 -5.29 -34.73 -18.97
CA PRO A 93 -4.92 -35.02 -20.37
C PRO A 93 -3.42 -34.88 -20.61
N ALA A 94 -2.82 -33.84 -20.02
CA ALA A 94 -1.37 -33.64 -20.04
C ALA A 94 -0.93 -33.06 -18.70
N PRO A 95 0.38 -33.17 -18.36
CA PRO A 95 0.88 -32.59 -17.10
C PRO A 95 0.76 -31.07 -17.05
N ILE A 96 0.45 -30.53 -15.87
CA ILE A 96 0.36 -29.09 -15.67
C ILE A 96 1.71 -28.54 -15.22
N GLU A 97 2.21 -27.52 -15.92
CA GLU A 97 3.46 -26.87 -15.59
C GLU A 97 3.20 -25.45 -15.10
N LYS A 98 3.95 -25.03 -14.09
CA LYS A 98 3.91 -23.64 -13.61
C LYS A 98 5.32 -23.13 -13.41
N THR A 99 5.57 -21.90 -13.84
CA THR A 99 6.89 -21.30 -13.75
C THR A 99 6.80 -20.00 -12.97
N ILE A 100 7.81 -19.75 -12.14
CA ILE A 100 7.97 -18.45 -11.47
C ILE A 100 9.45 -18.07 -11.33
N SER A 101 9.67 -16.80 -11.05
CA SER A 101 11.02 -16.24 -10.88
C SER A 101 10.95 -14.86 -10.21
N LYS A 102 12.10 -14.35 -9.80
CA LYS A 102 12.16 -13.07 -9.10
C LYS A 102 11.70 -11.93 -10.00
N ALA A 103 11.01 -10.95 -9.42
CA ALA A 103 10.62 -9.74 -10.15
C ALA A 103 11.85 -9.14 -10.83
N LYS A 104 11.66 -8.69 -12.07
CA LYS A 104 12.77 -8.13 -12.86
C LYS A 104 12.98 -6.64 -12.61
N GLY A 105 14.15 -6.15 -12.98
CA GLY A 105 14.47 -4.74 -12.88
C GLY A 105 15.87 -4.46 -12.40
N GLN A 106 16.45 -3.37 -12.89
CA GLN A 106 17.78 -2.96 -12.45
C GLN A 106 17.71 -2.56 -10.97
N PRO A 107 18.48 -3.24 -10.10
CA PRO A 107 18.39 -2.89 -8.69
C PRO A 107 18.88 -1.48 -8.38
N ARG A 108 18.19 -0.81 -7.46
CA ARG A 108 18.64 0.46 -6.92
C ARG A 108 18.68 0.38 -5.40
N GLU A 109 19.72 0.99 -4.83
CA GLU A 109 19.96 0.93 -3.41
C GLU A 109 19.07 1.90 -2.62
N PRO A 110 18.30 1.39 -1.64
CA PRO A 110 17.51 2.28 -0.80
C PRO A 110 18.38 3.11 0.13
N GLN A 111 17.92 4.31 0.47
CA GLN A 111 18.53 5.10 1.54
C GLN A 111 17.56 4.99 2.71
N VAL A 112 18.08 4.86 3.91
CA VAL A 112 17.27 4.63 5.09
C VAL A 112 17.45 5.78 6.08
N TYR A 113 16.34 6.41 6.45
CA TYR A 113 16.36 7.57 7.34
C TYR A 113 15.37 7.39 8.48
N THR A 114 15.85 7.53 9.71
CA THR A 114 14.99 7.48 10.89
C THR A 114 14.60 8.89 11.29
N LEU A 115 13.33 9.06 11.66
CA LEU A 115 12.78 10.37 12.02
C LEU A 115 12.09 10.28 13.38
N PRO A 116 12.47 11.16 14.31
CA PRO A 116 11.85 11.13 15.64
C PRO A 116 10.43 11.67 15.59
N PRO A 117 9.69 11.56 16.70
CA PRO A 117 8.33 12.12 16.73
C PRO A 117 8.32 13.64 16.60
N SER A 118 7.26 14.17 15.99
CA SER A 118 7.03 15.62 15.99
C SER A 118 6.85 16.10 17.41
N ARG A 119 7.24 17.34 17.69
CA ARG A 119 7.10 17.89 19.05
C ARG A 119 5.63 17.88 19.46
N ASP A 120 4.73 18.12 18.50
CA ASP A 120 3.29 18.15 18.77
C ASP A 120 2.73 16.81 19.27
N GLU A 121 3.38 15.69 18.92
CA GLU A 121 2.94 14.37 19.34
C GLU A 121 3.34 14.08 20.78
N LEU A 122 4.33 14.80 21.29
CA LEU A 122 4.82 14.62 22.67
C LEU A 122 3.79 14.96 23.75
N THR A 123 2.65 15.52 23.34
CA THR A 123 1.52 15.69 24.26
C THR A 123 0.91 14.31 24.57
N LYS A 124 1.00 13.37 23.62
CA LYS A 124 0.29 12.09 23.69
C LYS A 124 0.99 11.06 24.57
N ASN A 125 0.28 9.97 24.86
CA ASN A 125 0.82 8.85 25.63
C ASN A 125 1.70 7.94 24.78
N GLN A 126 1.35 7.82 23.50
CA GLN A 126 2.16 7.08 22.53
C GLN A 126 2.72 8.03 21.46
N VAL A 127 3.95 7.76 21.04
CA VAL A 127 4.62 8.55 20.02
C VAL A 127 4.99 7.66 18.83
N SER A 128 5.22 8.30 17.68
CA SER A 128 5.46 7.59 16.43
C SER A 128 6.92 7.73 16.05
N LEU A 129 7.61 6.62 15.86
CA LEU A 129 8.97 6.64 15.32
C LEU A 129 8.92 6.21 13.86
N THR A 130 9.55 7.00 12.99
CA THR A 130 9.35 6.86 11.56
C THR A 130 10.65 6.43 10.88
N CYS A 131 10.53 5.40 10.04
CA CYS A 131 11.62 4.95 9.21
C CYS A 131 11.22 5.15 7.76
N LEU A 132 11.88 6.10 7.11
CA LEU A 132 11.73 6.35 5.67
C LEU A 132 12.76 5.54 4.91
N VAL A 133 12.28 4.73 3.97
CA VAL A 133 13.15 3.97 3.08
C VAL A 133 12.85 4.39 1.65
N LYS A 134 13.79 5.04 0.99
CA LYS A 134 13.49 5.50 -0.36
C LYS A 134 14.58 5.19 -1.38
N GLY A 135 14.20 5.16 -2.65
CA GLY A 135 15.14 4.98 -3.74
C GLY A 135 15.41 3.54 -4.11
N PHE A 136 14.59 2.62 -3.62
CA PHE A 136 14.86 1.20 -3.87
C PHE A 136 14.14 0.64 -5.10
N TYR A 137 14.76 -0.35 -5.72
CA TYR A 137 14.17 -1.10 -6.81
C TYR A 137 14.87 -2.46 -6.90
N PRO A 138 14.11 -3.53 -7.18
CA PRO A 138 12.66 -3.62 -7.24
C PRO A 138 12.00 -3.51 -5.86
N SER A 139 10.68 -3.67 -5.81
CA SER A 139 9.89 -3.39 -4.61
C SER A 139 10.03 -4.40 -3.46
N ASP A 140 10.57 -5.59 -3.72
CA ASP A 140 10.75 -6.62 -2.66
C ASP A 140 11.68 -6.10 -1.57
N ILE A 141 11.26 -6.19 -0.33
CA ILE A 141 11.97 -5.58 0.76
C ILE A 141 11.45 -6.10 2.09
N ALA A 142 12.27 -5.96 3.14
CA ALA A 142 11.84 -6.26 4.50
C ALA A 142 12.31 -5.16 5.42
N VAL A 143 11.39 -4.56 6.15
CA VAL A 143 11.68 -3.46 7.05
C VAL A 143 11.16 -3.83 8.42
N GLU A 144 12.02 -3.81 9.43
CA GLU A 144 11.69 -4.28 10.76
C GLU A 144 12.25 -3.36 11.84
N TRP A 145 11.53 -3.25 12.95
CA TRP A 145 11.94 -2.40 14.05
C TRP A 145 12.36 -3.27 15.22
N GLU A 146 13.34 -2.79 15.99
CA GLU A 146 13.80 -3.52 17.18
C GLU A 146 14.44 -2.60 18.20
N SER A 147 14.55 -3.12 19.43
CA SER A 147 15.16 -2.42 20.55
C SER A 147 15.73 -3.43 21.55
N ASN A 148 16.94 -3.15 22.05
CA ASN A 148 17.59 -3.98 23.08
C ASN A 148 17.58 -5.49 22.75
N GLY A 149 17.86 -5.83 21.50
CA GLY A 149 17.89 -7.22 21.07
C GLY A 149 16.55 -7.92 20.96
N GLN A 150 15.46 -7.14 20.91
CA GLN A 150 14.10 -7.68 20.81
C GLN A 150 13.36 -6.99 19.65
N PRO A 151 12.62 -7.77 18.85
CA PRO A 151 11.77 -7.11 17.85
C PRO A 151 10.67 -6.29 18.52
N GLU A 152 10.40 -5.12 17.99
CA GLU A 152 9.30 -4.27 18.40
C GLU A 152 8.26 -4.61 17.38
N ASN A 153 7.12 -5.20 17.72
CA ASN A 153 6.18 -5.51 16.65
C ASN A 153 4.91 -4.65 16.58
N ASN A 154 4.72 -3.70 17.51
CA ASN A 154 3.70 -2.66 17.33
C ASN A 154 4.14 -1.61 16.29
N TYR A 155 4.27 -2.05 15.04
CA TYR A 155 4.60 -1.16 13.93
C TYR A 155 3.86 -1.58 12.67
N LYS A 156 3.76 -0.63 11.74
CA LYS A 156 3.13 -0.89 10.45
C LYS A 156 3.84 -0.13 9.37
N ALA A 157 4.03 -0.80 8.24
CA ALA A 157 4.65 -0.21 7.07
C ALA A 157 3.55 0.11 6.06
N THR A 158 3.81 1.11 5.23
CA THR A 158 2.98 1.36 4.08
C THR A 158 3.47 0.42 2.97
N PRO A 159 2.62 0.18 1.96
CA PRO A 159 3.12 -0.58 0.83
C PRO A 159 4.19 0.24 0.13
N PRO A 160 4.98 -0.38 -0.73
CA PRO A 160 5.91 0.43 -1.53
C PRO A 160 5.13 1.39 -2.44
N VAL A 161 5.66 2.59 -2.61
CA VAL A 161 4.99 3.58 -3.46
C VAL A 161 5.95 4.05 -4.55
N LEU A 162 5.45 4.11 -5.78
CA LEU A 162 6.26 4.49 -6.95
C LEU A 162 6.59 5.98 -6.91
N ASP A 163 7.88 6.29 -6.85
CA ASP A 163 8.32 7.70 -6.74
C ASP A 163 8.51 8.33 -8.14
N SER A 164 8.76 9.64 -8.15
CA SER A 164 8.84 10.40 -9.40
C SER A 164 10.07 10.07 -10.28
N ASP A 165 11.05 9.36 -9.74
CA ASP A 165 12.20 8.88 -10.52
C ASP A 165 12.15 7.38 -10.89
N GLY A 166 11.00 6.74 -10.68
CA GLY A 166 10.84 5.31 -11.02
C GLY A 166 11.28 4.32 -9.93
N SER A 167 11.87 4.82 -8.84
CA SER A 167 12.19 3.99 -7.69
C SER A 167 10.99 3.97 -6.76
N PHE A 168 11.06 3.09 -5.76
CA PHE A 168 10.02 3.00 -4.73
C PHE A 168 10.46 3.66 -3.42
N PHE A 169 9.47 4.03 -2.62
CA PHE A 169 9.70 4.40 -1.23
C PHE A 169 8.62 3.81 -0.35
N LEU A 170 8.94 3.63 0.92
CA LEU A 170 7.93 3.34 1.91
C LEU A 170 8.27 3.98 3.24
N TYR A 171 7.30 3.97 4.13
CA TYR A 171 7.44 4.48 5.49
C TYR A 171 7.02 3.37 6.44
N SER A 172 7.82 3.14 7.49
CA SER A 172 7.44 2.23 8.57
C SER A 172 7.30 3.04 9.86
N LYS A 173 6.15 2.90 10.52
CA LYS A 173 5.84 3.64 11.73
C LYS A 173 5.87 2.73 12.94
N LEU A 174 6.74 3.03 13.89
CA LEU A 174 6.81 2.31 15.16
C LEU A 174 6.12 3.15 16.22
N THR A 175 5.13 2.56 16.87
CA THR A 175 4.44 3.20 17.98
C THR A 175 5.00 2.66 19.30
N VAL A 176 5.50 3.57 20.14
CA VAL A 176 5.98 3.22 21.47
C VAL A 176 5.39 4.16 22.53
N ASP A 177 5.33 3.71 23.78
CA ASP A 177 4.90 4.56 24.88
C ASP A 177 5.88 5.71 25.03
N LYS A 178 5.36 6.91 25.31
CA LYS A 178 6.19 8.10 25.38
C LYS A 178 7.34 7.95 26.39
N SER A 179 7.07 7.28 27.50
CA SER A 179 8.08 7.09 28.55
C SER A 179 9.31 6.37 28.03
N ARG A 180 9.11 5.39 27.15
CA ARG A 180 10.22 4.64 26.57
C ARG A 180 11.10 5.55 25.71
N TRP A 181 10.48 6.46 24.96
CA TRP A 181 11.22 7.43 24.16
C TRP A 181 11.97 8.40 25.05
N GLN A 182 11.29 8.90 26.09
CA GLN A 182 11.87 9.88 27.03
C GLN A 182 12.99 9.30 27.88
N GLN A 183 12.86 8.01 28.24
CA GLN A 183 13.87 7.30 29.02
C GLN A 183 15.18 7.06 28.27
N GLY A 184 15.23 7.36 26.97
CA GLY A 184 16.48 7.36 26.21
C GLY A 184 16.77 6.04 25.49
N ASN A 185 15.78 5.16 25.41
CA ASN A 185 15.95 3.86 24.75
C ASN A 185 16.23 4.01 23.25
N VAL A 186 17.15 3.19 22.74
CA VAL A 186 17.51 3.18 21.34
C VAL A 186 16.57 2.25 20.57
N PHE A 187 16.05 2.73 19.46
CA PHE A 187 15.23 1.94 18.56
C PHE A 187 15.93 1.87 17.21
N SER A 188 15.79 0.73 16.54
CA SER A 188 16.52 0.50 15.29
C SER A 188 15.61 0.02 14.19
N CYS A 189 15.79 0.59 13.00
CA CYS A 189 15.09 0.18 11.80
C CYS A 189 16.06 -0.65 10.93
N SER A 190 15.73 -1.93 10.74
CA SER A 190 16.51 -2.83 9.90
C SER A 190 15.87 -2.92 8.54
N VAL A 191 16.66 -2.73 7.50
CA VAL A 191 16.18 -2.83 6.13
C VAL A 191 16.94 -3.93 5.38
N MET A 192 16.19 -4.79 4.70
CA MET A 192 16.77 -5.87 3.93
C MET A 192 16.33 -5.80 2.48
N HIS A 193 17.32 -5.67 1.59
CA HIS A 193 17.06 -5.42 0.18
C HIS A 193 18.28 -5.83 -0.64
N GLU A 194 18.04 -6.36 -1.83
CA GLU A 194 19.11 -6.96 -2.63
C GLU A 194 20.19 -5.97 -3.10
N ALA A 195 19.86 -4.69 -3.17
CA ALA A 195 20.78 -3.66 -3.63
C ALA A 195 21.66 -3.09 -2.52
N LEU A 196 21.41 -3.51 -1.29
CA LEU A 196 22.26 -3.14 -0.16
C LEU A 196 23.46 -4.08 -0.07
N HIS A 197 24.59 -3.54 0.35
CA HIS A 197 25.76 -4.33 0.68
C HIS A 197 25.38 -5.31 1.78
N ASN A 198 25.65 -6.59 1.55
CA ASN A 198 25.19 -7.70 2.41
C ASN A 198 23.67 -7.84 2.56
N HIS A 199 22.91 -7.15 1.69
CA HIS A 199 21.45 -7.15 1.74
C HIS A 199 20.85 -6.62 3.04
N TYR A 200 21.62 -5.80 3.76
CA TYR A 200 21.21 -5.37 5.09
C TYR A 200 21.82 -4.02 5.47
N THR A 201 20.99 -3.18 6.09
CA THR A 201 21.47 -1.98 6.74
C THR A 201 20.55 -1.67 7.90
N GLN A 202 21.09 -0.99 8.91
CA GLN A 202 20.34 -0.64 10.12
C GLN A 202 20.60 0.81 10.45
N LYS A 203 19.53 1.51 10.79
CA LYS A 203 19.61 2.89 11.25
C LYS A 203 18.94 3.02 12.62
N SER A 204 19.61 3.69 13.55
CA SER A 204 19.11 3.79 14.92
C SER A 204 18.56 5.17 15.23
N LEU A 205 17.68 5.22 16.24
CA LEU A 205 16.97 6.43 16.61
C LEU A 205 16.84 6.48 18.14
N SER A 206 17.26 7.58 18.77
CA SER A 206 17.03 7.77 20.21
C SER A 206 16.90 9.25 20.59
N LEU A 207 16.24 9.51 21.72
CA LEU A 207 16.04 10.90 22.16
C LEU A 207 17.36 11.57 22.46
N SER A 208 17.55 12.77 21.93
CA SER A 208 18.70 13.63 22.29
C SER A 208 18.77 13.99 23.80
N PRO B 2 -25.06 -3.36 -22.95
CA PRO B 2 -24.50 -2.15 -22.37
C PRO B 2 -24.47 -2.19 -20.82
N SER B 3 -23.37 -1.70 -20.26
CA SER B 3 -23.10 -1.78 -18.83
C SER B 3 -23.05 -0.37 -18.20
N VAL B 4 -23.35 -0.29 -16.91
CA VAL B 4 -23.34 0.99 -16.16
C VAL B 4 -22.31 1.02 -15.03
N PHE B 5 -21.63 2.15 -14.90
CA PHE B 5 -20.67 2.39 -13.80
C PHE B 5 -21.04 3.72 -13.13
N LEU B 6 -21.09 3.71 -11.79
CA LEU B 6 -21.47 4.89 -11.02
C LEU B 6 -20.31 5.29 -10.12
N PHE B 7 -19.81 6.50 -10.31
CA PHE B 7 -18.62 6.99 -9.61
C PHE B 7 -18.95 8.02 -8.54
N PRO B 8 -18.31 7.90 -7.37
CA PRO B 8 -18.58 8.85 -6.31
C PRO B 8 -17.84 10.18 -6.54
N PRO B 9 -18.22 11.23 -5.79
CA PRO B 9 -17.48 12.49 -5.90
C PRO B 9 -16.07 12.37 -5.36
N LYS B 10 -15.19 13.29 -5.79
CA LYS B 10 -13.85 13.34 -5.24
C LYS B 10 -14.00 13.76 -3.78
N PRO B 11 -13.30 13.06 -2.87
CA PRO B 11 -13.42 13.38 -1.46
C PRO B 11 -13.26 14.87 -1.14
N LYS B 12 -12.29 15.53 -1.79
CA LYS B 12 -12.01 16.94 -1.54
C LYS B 12 -13.21 17.83 -1.90
N ASP B 13 -13.91 17.45 -2.96
CA ASP B 13 -15.08 18.20 -3.39
C ASP B 13 -16.21 18.12 -2.35
N THR B 14 -16.29 17.00 -1.62
CA THR B 14 -17.32 16.82 -0.61
C THR B 14 -16.98 17.55 0.68
N LEU B 15 -15.69 17.80 0.90
CA LEU B 15 -15.19 18.34 2.14
C LEU B 15 -15.06 19.86 2.14
N MET B 16 -14.76 20.45 0.99
CA MET B 16 -14.67 21.89 0.86
C MET B 16 -15.98 22.46 0.28
N ILE B 17 -16.71 23.22 1.09
CA ILE B 17 -18.05 23.71 0.74
C ILE B 17 -18.05 24.57 -0.54
N SER B 18 -16.95 25.28 -0.80
CA SER B 18 -16.80 26.06 -2.02
C SER B 18 -16.69 25.22 -3.29
N ARG B 19 -16.30 23.96 -3.17
CA ARG B 19 -16.09 23.11 -4.35
C ARG B 19 -17.36 22.38 -4.76
N THR B 20 -17.29 21.67 -5.89
CA THR B 20 -18.46 21.15 -6.58
C THR B 20 -18.42 19.62 -6.66
N PRO B 21 -18.94 18.92 -5.62
CA PRO B 21 -18.95 17.46 -5.64
C PRO B 21 -20.01 16.92 -6.58
N GLU B 22 -19.66 15.89 -7.34
CA GLU B 22 -20.56 15.33 -8.31
C GLU B 22 -20.57 13.78 -8.30
N VAL B 23 -21.74 13.20 -8.51
CA VAL B 23 -21.85 11.76 -8.77
C VAL B 23 -21.98 11.60 -10.27
N THR B 24 -21.24 10.64 -10.82
CA THR B 24 -21.12 10.47 -12.26
C THR B 24 -21.54 9.07 -12.68
N CYS B 25 -22.57 9.01 -13.52
CA CYS B 25 -23.11 7.75 -14.00
C CYS B 25 -22.67 7.58 -15.45
N VAL B 26 -21.83 6.58 -15.69
CA VAL B 26 -21.25 6.34 -16.99
C VAL B 26 -21.88 5.07 -17.55
N VAL B 27 -22.41 5.18 -18.76
CA VAL B 27 -22.97 4.04 -19.47
C VAL B 27 -22.12 3.82 -20.71
N VAL B 28 -21.67 2.58 -20.91
CA VAL B 28 -20.86 2.21 -22.08
C VAL B 28 -21.55 1.15 -22.97
N ASP B 29 -21.03 1.00 -24.19
CA ASP B 29 -21.60 0.13 -25.22
C ASP B 29 -23.05 0.48 -25.52
N VAL B 37 -30.39 7.36 -24.71
CA VAL B 37 -30.25 6.78 -23.38
C VAL B 37 -30.94 7.66 -22.34
N LYS B 38 -31.82 7.04 -21.55
CA LYS B 38 -32.52 7.74 -20.46
C LYS B 38 -31.74 7.59 -19.16
N PHE B 39 -31.75 8.64 -18.35
CA PHE B 39 -31.21 8.62 -17.00
C PHE B 39 -32.29 9.04 -16.00
N ASN B 40 -32.45 8.28 -14.92
CA ASN B 40 -33.21 8.74 -13.77
C ASN B 40 -32.32 8.77 -12.53
N TRP B 41 -32.44 9.83 -11.74
CA TRP B 41 -31.59 10.03 -10.57
C TRP B 41 -32.42 10.17 -9.30
N TYR B 42 -31.99 9.50 -8.23
CA TYR B 42 -32.73 9.49 -6.97
C TYR B 42 -31.79 9.69 -5.78
N VAL B 43 -32.18 10.56 -4.86
CA VAL B 43 -31.46 10.77 -3.61
C VAL B 43 -32.33 10.24 -2.47
N ASP B 44 -31.92 9.12 -1.88
CA ASP B 44 -32.70 8.41 -0.86
C ASP B 44 -34.12 8.10 -1.33
N GLY B 45 -34.21 7.58 -2.56
CA GLY B 45 -35.49 7.23 -3.17
C GLY B 45 -36.12 8.37 -3.97
N VAL B 46 -36.04 9.58 -3.43
CA VAL B 46 -36.75 10.73 -4.03
C VAL B 46 -36.04 11.16 -5.30
N GLU B 47 -36.77 11.20 -6.41
CA GLU B 47 -36.20 11.57 -7.71
C GLU B 47 -35.79 13.03 -7.72
N VAL B 48 -34.63 13.29 -8.31
CA VAL B 48 -34.15 14.66 -8.53
C VAL B 48 -33.97 14.89 -10.03
N HIS B 49 -34.05 16.15 -10.45
CA HIS B 49 -34.10 16.50 -11.87
C HIS B 49 -32.93 17.35 -12.37
N ASN B 50 -32.06 17.79 -11.46
CA ASN B 50 -31.02 18.78 -11.81
C ASN B 50 -29.80 18.24 -12.55
N ALA B 51 -29.74 16.92 -12.79
CA ALA B 51 -28.58 16.30 -13.47
C ALA B 51 -28.28 16.90 -14.85
N LYS B 52 -27.02 16.80 -15.27
CA LYS B 52 -26.58 17.28 -16.58
C LYS B 52 -26.01 16.14 -17.42
N THR B 53 -26.78 15.70 -18.40
CA THR B 53 -26.40 14.58 -19.27
C THR B 53 -25.65 15.10 -20.50
N LYS B 54 -24.50 14.49 -20.79
CA LYS B 54 -23.69 14.86 -21.96
C LYS B 54 -24.10 14.06 -23.20
N PRO B 55 -23.86 14.62 -24.41
CA PRO B 55 -24.12 13.86 -25.63
C PRO B 55 -23.14 12.70 -25.78
N ARG B 56 -23.57 11.64 -26.48
CA ARG B 56 -22.80 10.41 -26.67
C ARG B 56 -21.44 10.65 -27.35
N GLU B 57 -20.58 9.63 -27.34
CA GLU B 57 -19.30 9.69 -28.05
C GLU B 57 -19.06 8.47 -28.95
N SER B 62 -15.58 1.15 -31.33
CA SER B 62 -16.77 1.28 -32.16
C SER B 62 -18.06 1.09 -31.35
N THR B 63 -18.05 1.58 -30.11
CA THR B 63 -19.22 1.57 -29.24
C THR B 63 -19.41 2.99 -28.65
N TYR B 64 -20.63 3.30 -28.18
CA TYR B 64 -20.92 4.62 -27.61
C TYR B 64 -20.81 4.63 -26.08
N ARG B 65 -20.40 5.79 -25.56
CA ARG B 65 -20.30 6.07 -24.13
C ARG B 65 -21.14 7.32 -23.82
N VAL B 66 -22.00 7.23 -22.80
CA VAL B 66 -22.87 8.35 -22.41
C VAL B 66 -22.76 8.59 -20.90
N VAL B 67 -22.59 9.85 -20.52
CA VAL B 67 -22.32 10.22 -19.14
C VAL B 67 -23.34 11.22 -18.63
N SER B 68 -23.85 10.99 -17.43
CA SER B 68 -24.71 11.93 -16.73
C SER B 68 -24.05 12.35 -15.41
N VAL B 69 -24.08 13.65 -15.11
CA VAL B 69 -23.40 14.21 -13.93
C VAL B 69 -24.39 14.90 -13.00
N LEU B 70 -24.57 14.33 -11.80
CA LEU B 70 -25.39 14.93 -10.76
C LEU B 70 -24.57 15.73 -9.75
N THR B 71 -24.91 17.01 -9.60
CA THR B 71 -24.38 17.86 -8.54
C THR B 71 -25.03 17.48 -7.21
N VAL B 72 -24.21 17.25 -6.19
CA VAL B 72 -24.73 16.83 -4.89
C VAL B 72 -24.54 17.92 -3.85
N LEU B 73 -25.33 17.86 -2.78
CA LEU B 73 -25.14 18.74 -1.64
C LEU B 73 -24.14 18.08 -0.70
N HIS B 74 -23.13 18.86 -0.32
CA HIS B 74 -22.06 18.39 0.54
C HIS B 74 -22.58 17.65 1.75
N GLN B 75 -23.53 18.28 2.46
CA GLN B 75 -24.05 17.71 3.70
C GLN B 75 -24.83 16.41 3.43
N ASP B 76 -25.54 16.35 2.30
CA ASP B 76 -26.26 15.12 1.95
C ASP B 76 -25.30 13.96 1.86
N TRP B 77 -24.19 14.15 1.16
CA TRP B 77 -23.22 13.08 0.94
C TRP B 77 -22.60 12.64 2.27
N LEU B 78 -22.21 13.61 3.08
CA LEU B 78 -21.57 13.35 4.35
C LEU B 78 -22.54 12.74 5.38
N ASN B 79 -23.83 12.98 5.20
CA ASN B 79 -24.85 12.37 6.06
C ASN B 79 -25.25 10.95 5.66
N GLY B 80 -24.67 10.45 4.57
CA GLY B 80 -24.82 9.05 4.19
C GLY B 80 -25.98 8.76 3.26
N LYS B 81 -26.50 9.79 2.59
CA LYS B 81 -27.60 9.59 1.65
C LYS B 81 -27.16 8.78 0.44
N GLU B 82 -28.08 7.96 -0.07
CA GLU B 82 -27.80 7.08 -1.19
C GLU B 82 -28.19 7.75 -2.49
N TYR B 83 -27.31 7.61 -3.48
CA TYR B 83 -27.55 8.15 -4.80
C TYR B 83 -27.75 7.00 -5.77
N LYS B 84 -28.92 6.98 -6.42
CA LYS B 84 -29.24 5.94 -7.40
C LYS B 84 -29.34 6.52 -8.81
N CYS B 85 -28.65 5.87 -9.75
CA CYS B 85 -28.73 6.19 -11.18
C CYS B 85 -29.41 5.05 -11.93
N LYS B 86 -30.43 5.39 -12.74
CA LYS B 86 -31.14 4.42 -13.58
C LYS B 86 -30.91 4.71 -15.07
N PRO B 93 -32.81 -5.22 -21.67
CA PRO B 93 -34.02 -5.98 -21.34
C PRO B 93 -34.87 -5.31 -20.27
N ALA B 94 -34.20 -4.80 -19.23
CA ALA B 94 -34.85 -4.02 -18.18
C ALA B 94 -33.90 -2.90 -17.77
N PRO B 95 -34.44 -1.82 -17.17
CA PRO B 95 -33.56 -0.73 -16.75
C PRO B 95 -32.54 -1.16 -15.70
N ILE B 96 -31.30 -0.67 -15.86
CA ILE B 96 -30.21 -0.97 -14.93
C ILE B 96 -30.12 0.14 -13.87
N GLU B 97 -30.17 -0.25 -12.60
CA GLU B 97 -30.04 0.66 -11.47
C GLU B 97 -28.72 0.44 -10.76
N LYS B 98 -28.08 1.52 -10.34
CA LYS B 98 -26.86 1.45 -9.52
C LYS B 98 -26.98 2.43 -8.37
N THR B 99 -26.59 1.99 -7.17
CA THR B 99 -26.66 2.82 -5.98
C THR B 99 -25.27 2.97 -5.35
N ILE B 100 -24.99 4.18 -4.89
CA ILE B 100 -23.73 4.53 -4.24
C ILE B 100 -23.98 5.44 -3.03
N SER B 101 -23.07 5.41 -2.06
CA SER B 101 -23.12 6.30 -0.88
C SER B 101 -21.77 6.35 -0.19
N LYS B 102 -21.60 7.29 0.73
CA LYS B 102 -20.32 7.48 1.42
C LYS B 102 -19.98 6.25 2.26
N ALA B 103 -18.69 5.92 2.31
CA ALA B 103 -18.22 4.84 3.17
C ALA B 103 -18.69 5.08 4.59
N LYS B 104 -19.14 4.02 5.25
CA LYS B 104 -19.68 4.12 6.59
C LYS B 104 -18.59 4.04 7.64
N GLY B 105 -18.91 4.48 8.85
CA GLY B 105 -17.99 4.38 9.97
C GLY B 105 -18.02 5.59 10.87
N GLN B 106 -17.80 5.37 12.16
CA GLN B 106 -17.71 6.47 13.11
C GLN B 106 -16.47 7.31 12.79
N PRO B 107 -16.67 8.61 12.50
CA PRO B 107 -15.51 9.42 12.15
C PRO B 107 -14.52 9.58 13.31
N ARG B 108 -13.23 9.54 12.98
CA ARG B 108 -12.18 9.87 13.94
C ARG B 108 -11.30 10.95 13.37
N GLU B 109 -10.91 11.87 14.23
CA GLU B 109 -10.13 13.02 13.82
C GLU B 109 -8.65 12.66 13.62
N PRO B 110 -8.10 12.93 12.43
CA PRO B 110 -6.67 12.72 12.25
C PRO B 110 -5.82 13.72 13.02
N GLN B 111 -4.63 13.29 13.43
CA GLN B 111 -3.62 14.18 13.97
C GLN B 111 -2.60 14.36 12.86
N VAL B 112 -2.13 15.60 12.69
CA VAL B 112 -1.23 15.91 11.58
C VAL B 112 0.11 16.37 12.13
N TYR B 113 1.18 15.68 11.73
CA TYR B 113 2.52 15.96 12.21
C TYR B 113 3.49 16.14 11.05
N THR B 114 4.20 17.27 11.03
CA THR B 114 5.23 17.49 10.03
C THR B 114 6.58 17.10 10.60
N LEU B 115 7.41 16.45 9.79
CA LEU B 115 8.71 15.96 10.20
C LEU B 115 9.79 16.45 9.23
N PRO B 116 10.84 17.11 9.75
CA PRO B 116 11.90 17.59 8.88
C PRO B 116 12.78 16.44 8.39
N PRO B 117 13.69 16.72 7.45
CA PRO B 117 14.57 15.66 6.95
C PRO B 117 15.51 15.15 8.02
N SER B 118 15.87 13.86 7.94
CA SER B 118 16.93 13.32 8.80
C SER B 118 18.24 14.03 8.50
N ARG B 119 19.09 14.13 9.50
CA ARG B 119 20.38 14.79 9.32
C ARG B 119 21.19 14.08 8.23
N ASP B 120 21.06 12.75 8.15
CA ASP B 120 21.78 11.95 7.15
C ASP B 120 21.41 12.28 5.69
N GLU B 121 20.19 12.79 5.47
CA GLU B 121 19.75 13.16 4.12
C GLU B 121 20.33 14.50 3.68
N LEU B 122 20.77 15.32 4.64
CA LEU B 122 21.35 16.64 4.35
C LEU B 122 22.66 16.57 3.56
N THR B 123 23.17 15.37 3.35
CA THR B 123 24.27 15.11 2.43
C THR B 123 23.80 15.35 0.99
N LYS B 124 22.55 15.04 0.73
CA LYS B 124 22.02 14.99 -0.64
C LYS B 124 21.63 16.35 -1.20
N ASN B 125 21.35 16.37 -2.49
CA ASN B 125 20.90 17.59 -3.17
C ASN B 125 19.42 17.85 -2.95
N GLN B 126 18.64 16.77 -2.82
CA GLN B 126 17.23 16.85 -2.47
C GLN B 126 16.95 16.22 -1.12
N VAL B 127 16.05 16.85 -0.36
CA VAL B 127 15.67 16.38 0.97
C VAL B 127 14.18 16.03 1.00
N SER B 128 13.78 15.23 1.97
CA SER B 128 12.40 14.75 2.08
C SER B 128 11.71 15.44 3.24
N LEU B 129 10.58 16.10 2.99
CA LEU B 129 9.75 16.64 4.06
C LEU B 129 8.55 15.73 4.24
N THR B 130 8.29 15.35 5.48
CA THR B 130 7.34 14.29 5.76
C THR B 130 6.14 14.84 6.52
N CYS B 131 4.94 14.48 6.04
CA CYS B 131 3.69 14.77 6.73
C CYS B 131 3.05 13.47 7.13
N LEU B 132 3.04 13.21 8.44
CA LEU B 132 2.36 12.07 9.00
C LEU B 132 0.94 12.47 9.39
N VAL B 133 -0.04 11.74 8.86
CA VAL B 133 -1.44 11.93 9.22
C VAL B 133 -1.95 10.63 9.83
N LYS B 134 -2.27 10.63 11.10
CA LYS B 134 -2.72 9.37 11.69
C LYS B 134 -3.97 9.52 12.55
N GLY B 135 -4.66 8.40 12.74
CA GLY B 135 -5.81 8.36 13.62
C GLY B 135 -7.13 8.71 12.96
N PHE B 136 -7.16 8.77 11.62
CA PHE B 136 -8.38 9.15 10.93
C PHE B 136 -9.26 7.99 10.52
N TYR B 137 -10.55 8.26 10.47
CA TYR B 137 -11.55 7.32 10.00
C TYR B 137 -12.78 8.12 9.55
N PRO B 138 -13.40 7.71 8.44
CA PRO B 138 -12.98 6.68 7.50
C PRO B 138 -11.81 7.14 6.63
N SER B 139 -11.40 6.31 5.67
CA SER B 139 -10.16 6.53 4.91
C SER B 139 -10.14 7.69 3.91
N ASP B 140 -11.32 8.20 3.54
CA ASP B 140 -11.40 9.32 2.61
C ASP B 140 -10.71 10.57 3.17
N ILE B 141 -9.82 11.15 2.37
CA ILE B 141 -8.97 12.21 2.84
C ILE B 141 -8.27 12.89 1.67
N ALA B 142 -7.79 14.11 1.90
CA ALA B 142 -6.96 14.84 0.94
C ALA B 142 -5.80 15.48 1.67
N VAL B 143 -4.60 15.19 1.22
CA VAL B 143 -3.40 15.71 1.84
C VAL B 143 -2.56 16.37 0.76
N GLU B 144 -2.22 17.63 0.96
CA GLU B 144 -1.53 18.42 -0.05
C GLU B 144 -0.42 19.26 0.53
N TRP B 145 0.62 19.49 -0.24
CA TRP B 145 1.75 20.28 0.21
C TRP B 145 1.75 21.60 -0.54
N GLU B 146 2.20 22.66 0.14
CA GLU B 146 2.31 23.97 -0.49
C GLU B 146 3.37 24.86 0.18
N SER B 147 3.77 25.89 -0.55
CA SER B 147 4.73 26.89 -0.06
C SER B 147 4.47 28.22 -0.74
N ASN B 148 4.48 29.29 0.05
CA ASN B 148 4.35 30.65 -0.47
C ASN B 148 3.18 30.83 -1.43
N GLY B 149 2.02 30.26 -1.08
CA GLY B 149 0.84 30.38 -1.91
C GLY B 149 0.85 29.61 -3.22
N GLN B 150 1.75 28.62 -3.32
CA GLN B 150 1.84 27.74 -4.48
C GLN B 150 1.78 26.27 -4.06
N PRO B 151 1.00 25.44 -4.77
CA PRO B 151 1.09 24.00 -4.51
C PRO B 151 2.46 23.47 -4.92
N GLU B 152 3.03 22.63 -4.05
CA GLU B 152 4.36 22.12 -4.30
C GLU B 152 4.42 21.06 -5.38
N ASN B 153 5.46 21.17 -6.20
CA ASN B 153 5.76 20.20 -7.26
C ASN B 153 6.52 19.08 -6.59
N ASN B 154 6.28 17.85 -7.02
CA ASN B 154 7.01 16.69 -6.53
C ASN B 154 6.72 16.26 -5.08
N TYR B 155 5.52 15.73 -4.86
CA TYR B 155 5.23 14.97 -3.65
C TYR B 155 4.40 13.75 -3.97
N LYS B 156 4.43 12.78 -3.05
CA LYS B 156 3.65 11.56 -3.19
C LYS B 156 3.17 11.14 -1.82
N ALA B 157 1.91 10.72 -1.74
CA ALA B 157 1.33 10.15 -0.54
C ALA B 157 1.29 8.64 -0.66
N THR B 158 1.34 7.95 0.47
CA THR B 158 1.08 6.54 0.51
C THR B 158 -0.44 6.36 0.57
N PRO B 159 -0.94 5.18 0.19
CA PRO B 159 -2.35 4.93 0.44
C PRO B 159 -2.61 4.91 1.94
N PRO B 160 -3.88 5.04 2.34
CA PRO B 160 -4.15 4.89 3.77
C PRO B 160 -3.79 3.48 4.24
N VAL B 161 -3.29 3.36 5.46
CA VAL B 161 -2.93 2.06 6.02
C VAL B 161 -3.66 1.84 7.34
N LEU B 162 -4.21 0.64 7.50
CA LEU B 162 -4.99 0.28 8.69
C LEU B 162 -4.07 0.10 9.90
N ASP B 163 -4.27 0.92 10.92
CA ASP B 163 -3.40 0.89 12.10
C ASP B 163 -3.90 -0.11 13.13
N SER B 164 -3.11 -0.33 14.17
CA SER B 164 -3.43 -1.35 15.18
C SER B 164 -4.65 -1.05 16.06
N ASP B 165 -5.14 0.20 16.04
CA ASP B 165 -6.38 0.57 16.76
C ASP B 165 -7.60 0.72 15.85
N GLY B 166 -7.51 0.30 14.59
CA GLY B 166 -8.63 0.37 13.64
C GLY B 166 -8.76 1.68 12.88
N SER B 167 -7.96 2.69 13.24
CA SER B 167 -7.91 3.94 12.48
C SER B 167 -6.92 3.77 11.34
N PHE B 168 -6.90 4.73 10.42
CA PHE B 168 -5.94 4.77 9.32
C PHE B 168 -4.82 5.75 9.59
N PHE B 169 -3.70 5.54 8.90
CA PHE B 169 -2.65 6.53 8.80
C PHE B 169 -2.11 6.57 7.40
N LEU B 170 -1.54 7.71 7.03
CA LEU B 170 -0.72 7.78 5.83
C LEU B 170 0.42 8.77 6.01
N TYR B 171 1.34 8.73 5.06
CA TYR B 171 2.50 9.58 5.03
C TYR B 171 2.51 10.26 3.67
N SER B 172 2.75 11.57 3.65
CA SER B 172 2.98 12.31 2.40
C SER B 172 4.40 12.86 2.41
N LYS B 173 5.15 12.55 1.35
CA LYS B 173 6.54 12.95 1.24
C LYS B 173 6.70 14.05 0.20
N LEU B 174 7.22 15.19 0.64
CA LEU B 174 7.55 16.28 -0.25
C LEU B 174 9.04 16.31 -0.47
N THR B 175 9.44 16.26 -1.73
CA THR B 175 10.85 16.36 -2.10
C THR B 175 11.13 17.78 -2.59
N VAL B 176 12.09 18.44 -1.95
CA VAL B 176 12.54 19.77 -2.33
C VAL B 176 14.05 19.84 -2.43
N ASP B 177 14.57 20.79 -3.21
CA ASP B 177 16.01 21.02 -3.28
C ASP B 177 16.52 21.47 -1.92
N LYS B 178 17.70 20.98 -1.53
CA LYS B 178 18.23 21.24 -0.19
C LYS B 178 18.36 22.74 0.09
N SER B 179 18.71 23.51 -0.93
CA SER B 179 18.88 24.96 -0.78
C SER B 179 17.59 25.65 -0.32
N ARG B 180 16.46 25.18 -0.82
CA ARG B 180 15.16 25.73 -0.42
C ARG B 180 14.89 25.49 1.07
N TRP B 181 15.26 24.30 1.55
CA TRP B 181 15.11 23.98 2.97
C TRP B 181 16.06 24.83 3.80
N GLN B 182 17.31 24.93 3.36
CA GLN B 182 18.34 25.70 4.08
C GLN B 182 18.09 27.20 4.09
N GLN B 183 17.50 27.71 3.01
CA GLN B 183 17.16 29.14 2.93
C GLN B 183 16.15 29.59 3.98
N GLY B 184 15.40 28.65 4.54
CA GLY B 184 14.39 28.94 5.56
C GLY B 184 12.95 29.00 5.09
N ASN B 185 12.68 28.54 3.87
CA ASN B 185 11.32 28.57 3.30
C ASN B 185 10.35 27.70 4.10
N VAL B 186 9.14 28.21 4.28
CA VAL B 186 8.10 27.49 5.00
C VAL B 186 7.31 26.61 4.05
N PHE B 187 7.12 25.35 4.46
CA PHE B 187 6.31 24.40 3.70
C PHE B 187 5.14 24.00 4.57
N SER B 188 4.00 23.75 3.94
CA SER B 188 2.78 23.48 4.67
C SER B 188 2.08 22.25 4.16
N CYS B 189 1.65 21.41 5.09
CA CYS B 189 0.86 20.24 4.79
C CYS B 189 -0.61 20.55 5.14
N SER B 190 -1.47 20.56 4.12
CA SER B 190 -2.91 20.76 4.30
C SER B 190 -3.60 19.42 4.31
N VAL B 191 -4.43 19.19 5.33
CA VAL B 191 -5.20 17.96 5.45
C VAL B 191 -6.70 18.27 5.45
N MET B 192 -7.44 17.53 4.64
CA MET B 192 -8.89 17.72 4.55
C MET B 192 -9.59 16.42 4.85
N HIS B 193 -10.43 16.44 5.87
CA HIS B 193 -11.08 15.24 6.39
C HIS B 193 -12.34 15.62 7.15
N GLU B 194 -13.36 14.78 7.08
CA GLU B 194 -14.69 15.12 7.64
C GLU B 194 -14.72 15.28 9.15
N ALA B 195 -13.78 14.64 9.85
CA ALA B 195 -13.72 14.68 11.31
C ALA B 195 -12.96 15.90 11.84
N LEU B 196 -12.34 16.68 10.95
CA LEU B 196 -11.70 17.91 11.34
C LEU B 196 -12.70 19.04 11.42
N HIS B 197 -12.48 19.96 12.36
CA HIS B 197 -13.24 21.20 12.42
C HIS B 197 -13.06 21.94 11.09
N ASN B 198 -14.17 22.31 10.47
CA ASN B 198 -14.20 22.89 9.10
C ASN B 198 -13.64 21.99 8.00
N HIS B 199 -13.45 20.71 8.31
CA HIS B 199 -12.88 19.74 7.38
C HIS B 199 -11.48 20.11 6.88
N TYR B 200 -10.75 20.91 7.67
CA TYR B 200 -9.45 21.43 7.22
C TYR B 200 -8.51 21.73 8.39
N THR B 201 -7.25 21.34 8.22
CA THR B 201 -6.20 21.77 9.12
C THR B 201 -4.90 21.83 8.34
N GLN B 202 -4.00 22.69 8.80
CA GLN B 202 -2.71 22.91 8.14
C GLN B 202 -1.59 22.92 9.18
N LYS B 203 -0.52 22.21 8.87
CA LYS B 203 0.66 22.19 9.71
C LYS B 203 1.86 22.63 8.88
N SER B 204 2.66 23.53 9.44
CA SER B 204 3.80 24.09 8.72
C SER B 204 5.13 23.50 9.20
N LEU B 205 6.13 23.57 8.33
CA LEU B 205 7.45 22.99 8.57
C LEU B 205 8.51 23.94 7.98
N SER B 206 9.49 24.33 8.79
CA SER B 206 10.63 25.13 8.29
C SER B 206 11.91 24.92 9.12
N LEU B 207 13.06 25.22 8.50
CA LEU B 207 14.35 25.21 9.19
C LEU B 207 14.50 26.46 10.08
N SER B 208 14.65 26.25 11.38
CA SER B 208 14.86 27.37 12.34
C SER B 208 15.12 26.88 13.76
C1 NAG C . -11.70 -28.41 -2.11
C2 NAG C . -11.80 -27.29 -3.14
C3 NAG C . -10.45 -26.68 -3.46
C4 NAG C . -9.74 -26.26 -2.18
C5 NAG C . -9.66 -27.49 -1.28
C6 NAG C . -8.90 -27.24 0.04
C7 NAG C . -13.75 -27.67 -4.67
C8 NAG C . -14.73 -26.90 -3.80
N2 NAG C . -12.46 -27.81 -4.33
O3 NAG C . -10.63 -25.56 -4.30
O4 NAG C . -8.43 -25.77 -2.41
O5 NAG C . -10.95 -27.98 -1.00
O6 NAG C . -9.34 -26.06 0.70
O7 NAG C . -14.17 -28.17 -5.70
C1 NAG C . -8.38 -24.37 -2.74
C2 NAG C . -7.03 -23.83 -2.28
C3 NAG C . -6.84 -22.37 -2.67
C4 NAG C . -7.25 -22.12 -4.14
C5 NAG C . -8.54 -22.81 -4.53
C6 NAG C . -8.72 -22.74 -6.05
C7 NAG C . -5.86 -24.57 -0.23
C8 NAG C . -5.94 -24.70 1.26
N2 NAG C . -6.92 -24.02 -0.84
O3 NAG C . -5.48 -22.02 -2.51
O4 NAG C . -7.42 -20.74 -4.39
O5 NAG C . -8.55 -24.17 -4.12
O6 NAG C . -10.01 -23.16 -6.39
O7 NAG C . -4.84 -24.97 -0.82
C1 BMA C . -6.25 -20.15 -4.98
C2 BMA C . -6.65 -19.02 -5.94
C3 BMA C . -5.41 -18.35 -6.51
C4 BMA C . -4.54 -17.87 -5.36
C5 BMA C . -4.20 -19.07 -4.47
C6 BMA C . -3.30 -18.68 -3.31
O2 BMA C . -7.47 -18.06 -5.25
O3 BMA C . -5.74 -17.25 -7.38
O4 BMA C . -3.33 -17.28 -5.85
O5 BMA C . -5.39 -19.65 -3.96
O6 BMA C . -3.75 -17.47 -2.71
C1 MAN C . -4.55 -17.73 -1.55
C2 MAN C . -5.38 -16.47 -1.26
C3 MAN C . -4.48 -15.34 -0.73
C4 MAN C . -3.52 -15.82 0.36
C5 MAN C . -2.81 -17.09 -0.08
C6 MAN C . -1.90 -17.64 1.01
O2 MAN C . -6.46 -16.80 -0.38
O3 MAN C . -5.27 -14.20 -0.31
O4 MAN C . -2.59 -14.76 0.62
O5 MAN C . -3.76 -18.10 -0.43
O6 MAN C . -0.73 -16.83 1.01
C1 MAN C . -5.92 -14.29 0.98
C2 MAN C . -7.35 -13.79 0.80
C3 MAN C . -7.36 -12.29 0.50
C4 MAN C . -6.51 -11.51 1.50
C5 MAN C . -5.13 -12.15 1.70
C6 MAN C . -4.36 -11.50 2.84
O2 MAN C . -8.08 -14.08 1.96
O3 MAN C . -8.69 -11.80 0.52
O4 MAN C . -6.35 -10.19 1.03
O5 MAN C . -5.25 -13.54 1.98
O6 MAN C . -3.04 -12.00 2.86
C1 MAN C . 0.36 -17.41 0.26
C2 MAN C . 1.27 -18.12 1.27
C3 MAN C . 1.92 -17.08 2.18
C4 MAN C . 2.63 -15.99 1.37
C5 MAN C . 1.67 -15.40 0.32
C6 MAN C . 2.40 -14.43 -0.62
O2 MAN C . 2.25 -18.90 0.61
O3 MAN C . 2.78 -17.68 3.12
O4 MAN C . 3.08 -14.96 2.23
O5 MAN C . 1.08 -16.43 -0.46
O6 MAN C . 1.65 -13.25 -0.78
C1 MAN C . -5.75 -17.64 -8.78
C2 MAN C . -4.54 -17.02 -9.49
C3 MAN C . -4.76 -15.56 -9.87
C4 MAN C . -6.14 -15.33 -10.47
C5 MAN C . -7.21 -15.93 -9.57
C6 MAN C . -8.62 -15.73 -10.15
O2 MAN C . -4.24 -17.79 -10.65
O3 MAN C . -3.76 -15.14 -10.77
O4 MAN C . -6.36 -13.95 -10.64
O5 MAN C . -6.96 -17.31 -9.43
O6 MAN C . -9.58 -16.04 -9.17
C1 FUC C . -9.27 -26.18 2.14
C2 FUC C . -9.70 -24.93 2.90
C3 FUC C . -11.13 -24.56 2.50
C4 FUC C . -12.08 -25.72 2.80
C5 FUC C . -11.57 -26.97 2.10
C6 FUC C . -12.40 -28.21 2.42
O2 FUC C . -8.80 -23.87 2.64
O3 FUC C . -11.59 -23.42 3.20
O4 FUC C . -12.10 -25.94 4.20
O5 FUC C . -10.23 -27.16 2.55
CL CL D . -14.01 25.82 1.16
#